data_9C45
#
_entry.id   9C45
#
loop_
_entity.id
_entity.type
_entity.pdbx_description
1 polymer 'S2L20 Fab Light Chain Variable Region'
2 polymer 'S2L20 Fab Heavy Chain Variable'
3 polymer 'Spike glycoprotein'
4 branched 2-acetamido-2-deoxy-beta-D-glucopyranose-(1-4)-2-acetamido-2-deoxy-beta-D-glucopyranose
5 branched beta-D-mannopyranose-(1-4)-2-acetamido-2-deoxy-beta-D-glucopyranose-(1-4)-2-acetamido-2-deoxy-beta-D-glucopyranose
6 non-polymer 2-acetamido-2-deoxy-beta-D-glucopyranose
#
loop_
_entity_poly.entity_id
_entity_poly.type
_entity_poly.pdbx_seq_one_letter_code
_entity_poly.pdbx_strand_id
1 'polypeptide(L)'
;VIWMTQSPSSLSASVGDRVTITCQASQDIRFYLNWYQQKPGKAPKLLISDASNMETGVPSRFSGSGSGTDFTFTISSLQP
EDIATYYCQQYDNLPFTFGPGTKVDFK
;
L
2 'polypeptide(L)'
;EVQLVESGGGVVQPGGSLRLSCAASGFTFNSYGMHWVRQAPGKGLEWVAFIRYDGGNKYYADSVKGRFTISRDNSKNTLY
LQMKSLRAEDTAVYYCANLKDSRYSGSYYDYWGQGTLVTVS
;
H
3 'polypeptide(L)'
;MFVFLVLLPLVSSQCVNLTTRTQLPPAYTNSFTRGVYYPDKVFRSSVLHSTQDLFLPFFSNVTWFHAIHVSGTNGTKRFD
NPVLPFNDGVYFASTEKSNIIRGWIFGTTLDSKTQSLLIVNNATNVVIKVCEFQFCNDPFLGVYYHKNNKSWMESEFRVY
SSANNCTFEYVSQPFLMDLEGKQGNFKNLREFVFKNIDGYFKIYSKHTPINLVRDLPQGFSALEPLVDLPIGINITRFQT
LLALHRSYLTPGDSSSGWTAGAAAYYVGYLQPRTFLLKYNENGTITDAVDCALDPLSETKCTLKSFTVEKGIYQTSNFRV
QPTESIVRFPNITNLCPFGEVFNATRFASVYAWNRKRISNCVADYSVLYNSASFSTFKCYGVSPTKLNDLCFTNVYADSF
VIRGDEVRQIAPGQTGKIADYNYKLPDDFTGCVIAWNSNNLDSKVGGNYNYLYRLFRKSNLKPFERDISTEIYQAGSTPC
NGVEGFNCYFPLQSYGFQPTNGVGYQPYRVVVLSFELLHAPATVCGPKKSTNLVKNKCVNFNFNGLTGTGVLTESNKKFL
PFQQFGRDIADTTDAVRDPQTLEILDITPCSFGGVSVITPGTNTSNQVAVLYQDVNCTEVPVAIHADQLTPTWRVYSTGS
NVFQTRAGCLIGAEHVNNSYECDIPIGAGICASYQTQTNSPGSASSVASQSIIAYTMSLGAENSVAYSNNSIAIPTNFTI
SVTTEILPVSMTKTSVDCTMYICGDSTECSNLLLQYGSFCTQLNRALTGIAVEQDKNTQEVFAQVKQIYKTPPIKDFGGF
NFSQILPDPSKPSKRSPIEDLLFNKVTLADAGFIKQYGDCLGDIAARDLICAQKFNGLTVLPPLLTDEMIAQYTSALLAG
TITSGWTFGAGPALQIPFPMQMAYRFNGIGVTQNVLYENQKLIANQFNSAIGKIQDSLSSTPSALGKLQDVVNQNAQALN
TLVKQLSSNFGAISSVLNDILSRLDPPEAEVQIDRLITGRLQSLQTYVTQQLIRAAEIRASANLAATKMSECVLGQSKRV
DFCGKGYHLMSFPQSAPHGVVFLHVTYVPAQEKNFTTAPAICHDGKAHFPREGVFVSNGTHWFVTQRNFYEPQIITTDNT
FVSGNCDVVIGIVNNTVYDPLQPELDSFKEELDKYFKNHTSPDVDLGDISGINASVVNIQKEIDRLNEVAKNLNESLIDL
QELGKYEQGSGYIPEAPRDGQAYVRKDGEWVLLSTFLGRSLEVLFQGPGHHHHHHHHSAWSHPQFEKGGGSGGGGSGGSA
WSHPQFEK
;
A
#
loop_
_chem_comp.id
_chem_comp.type
_chem_comp.name
_chem_comp.formula
BMA D-saccharide, beta linking beta-D-mannopyranose 'C6 H12 O6'
NAG D-saccharide, beta linking 2-acetamido-2-deoxy-beta-D-glucopyranose 'C8 H15 N O6'
#
# COMPACT_ATOMS: atom_id res chain seq x y z
N VAL A 1 -17.00 16.52 8.24
CA VAL A 1 -17.23 15.68 7.06
C VAL A 1 -17.31 16.55 5.81
N ILE A 2 -16.54 16.17 4.77
CA ILE A 2 -16.51 16.89 3.51
C ILE A 2 -17.64 16.52 2.57
N TRP A 3 -18.35 17.53 2.09
CA TRP A 3 -19.43 17.29 1.13
C TRP A 3 -18.98 17.29 -0.32
N MET A 4 -19.50 16.35 -1.10
CA MET A 4 -19.15 16.26 -2.51
C MET A 4 -20.38 16.42 -3.38
N THR A 5 -20.24 17.19 -4.45
CA THR A 5 -21.33 17.36 -5.40
C THR A 5 -20.80 17.26 -6.83
N GLN A 6 -21.68 16.91 -7.76
CA GLN A 6 -21.30 16.80 -9.17
C GLN A 6 -22.31 17.48 -10.07
N SER A 7 -21.83 17.99 -11.20
CA SER A 7 -22.70 18.68 -12.15
C SER A 7 -22.21 18.51 -13.59
N PRO A 8 -23.14 18.24 -14.51
CA PRO A 8 -24.56 18.03 -14.36
C PRO A 8 -24.83 16.66 -13.75
N SER A 9 -26.04 16.44 -13.25
CA SER A 9 -26.40 15.13 -12.72
C SER A 9 -26.55 14.10 -13.84
N SER A 10 -26.82 14.61 -15.03
CA SER A 10 -26.97 13.76 -16.21
C SER A 10 -26.73 14.54 -17.49
N LEU A 11 -26.03 13.92 -18.43
CA LEU A 11 -25.78 14.54 -19.73
C LEU A 11 -25.92 13.51 -20.84
N SER A 12 -26.31 13.96 -22.02
CA SER A 12 -26.36 13.09 -23.18
C SER A 12 -25.37 13.57 -24.23
N ALA A 13 -24.66 12.63 -24.85
CA ALA A 13 -23.69 12.98 -25.88
C ALA A 13 -23.56 11.86 -26.91
N SER A 14 -23.13 12.23 -28.11
CA SER A 14 -22.97 11.26 -29.20
C SER A 14 -21.53 10.81 -29.31
N VAL A 15 -21.27 9.88 -30.22
CA VAL A 15 -19.92 9.35 -30.36
C VAL A 15 -19.01 10.38 -31.01
N GLY A 16 -17.88 10.65 -30.36
CA GLY A 16 -16.92 11.63 -30.83
C GLY A 16 -17.05 12.95 -30.08
N ASP A 17 -18.15 13.13 -29.36
CA ASP A 17 -18.36 14.35 -28.61
C ASP A 17 -17.43 14.44 -27.41
N ARG A 18 -17.12 15.66 -26.99
CA ARG A 18 -16.34 15.87 -25.78
C ARG A 18 -17.26 15.98 -24.58
N VAL A 19 -16.98 15.20 -23.56
CA VAL A 19 -17.79 15.18 -22.35
C VAL A 19 -17.04 15.66 -21.13
N THR A 20 -17.60 16.65 -20.45
CA THR A 20 -16.97 17.16 -19.24
C THR A 20 -17.90 17.03 -18.04
N ILE A 21 -17.33 16.53 -16.94
CA ILE A 21 -18.06 16.35 -15.69
C ILE A 21 -17.37 17.11 -14.57
N THR A 22 -18.12 17.94 -13.85
CA THR A 22 -17.54 18.74 -12.78
C THR A 22 -17.81 18.13 -11.41
N CYS A 23 -16.77 18.06 -10.57
CA CYS A 23 -16.87 17.61 -9.18
C CYS A 23 -16.36 18.69 -8.25
N GLN A 24 -17.15 19.01 -7.23
CA GLN A 24 -16.80 20.08 -6.31
C GLN A 24 -16.86 19.62 -4.85
N ALA A 25 -15.83 19.98 -4.10
CA ALA A 25 -15.76 19.65 -2.69
C ALA A 25 -16.11 20.85 -1.83
N SER A 26 -16.79 20.61 -0.71
CA SER A 26 -17.13 21.68 0.23
C SER A 26 -15.90 22.20 0.96
N GLN A 27 -14.82 21.41 0.94
CA GLN A 27 -13.57 21.79 1.59
C GLN A 27 -12.40 21.56 0.65
N ASP A 28 -11.29 22.24 0.90
CA ASP A 28 -10.09 22.08 0.10
C ASP A 28 -9.48 20.70 0.33
N ILE A 29 -9.52 19.87 -0.71
CA ILE A 29 -9.01 18.47 -0.59
C ILE A 29 -7.73 18.33 -1.42
N ARG A 30 -7.12 19.46 -1.79
CA ARG A 30 -5.83 19.38 -2.52
C ARG A 30 -6.04 18.53 -3.76
N PHE A 31 -5.19 17.53 -3.93
CA PHE A 31 -5.22 16.68 -5.14
C PHE A 31 -5.66 15.25 -4.83
N TYR A 32 -6.38 15.05 -3.73
CA TYR A 32 -6.73 13.67 -3.34
C TYR A 32 -8.16 13.31 -3.77
N LEU A 33 -8.34 13.13 -5.07
CA LEU A 33 -9.65 12.77 -5.61
C LEU A 33 -9.55 11.60 -6.59
N ASN A 34 -10.43 10.60 -6.42
CA ASN A 34 -10.53 9.48 -7.35
C ASN A 34 -11.71 9.65 -8.28
N TRP A 35 -11.61 9.10 -9.49
CA TRP A 35 -12.75 9.02 -10.39
C TRP A 35 -13.06 7.57 -10.76
N TYR A 36 -14.32 7.19 -10.62
CA TYR A 36 -14.77 5.84 -10.90
C TYR A 36 -15.79 5.80 -12.03
N GLN A 37 -15.81 4.68 -12.75
CA GLN A 37 -16.80 4.43 -13.79
C GLN A 37 -17.59 3.17 -13.49
N GLN A 38 -18.90 3.31 -13.32
CA GLN A 38 -19.73 2.16 -13.01
C GLN A 38 -20.79 1.88 -14.06
N LYS A 39 -20.83 0.64 -14.53
CA LYS A 39 -21.87 0.19 -15.43
C LYS A 39 -22.83 -0.69 -14.65
N PRO A 40 -24.11 -0.74 -15.04
CA PRO A 40 -25.16 -1.49 -14.37
C PRO A 40 -24.77 -2.94 -14.14
N GLY A 41 -24.94 -3.40 -12.90
CA GLY A 41 -24.67 -4.78 -12.53
C GLY A 41 -23.21 -5.06 -12.20
N LYS A 42 -22.36 -4.04 -12.29
CA LYS A 42 -20.94 -4.24 -12.04
C LYS A 42 -20.40 -3.32 -10.95
N ALA A 43 -19.31 -3.74 -10.32
CA ALA A 43 -18.61 -2.91 -9.36
C ALA A 43 -17.93 -1.76 -10.11
N PRO A 44 -17.76 -0.59 -9.48
CA PRO A 44 -17.05 0.57 -9.99
C PRO A 44 -15.61 0.28 -10.39
N LYS A 45 -15.19 0.86 -11.50
CA LYS A 45 -13.80 0.75 -11.96
C LYS A 45 -13.07 2.07 -11.77
N LEU A 46 -11.88 2.03 -11.21
CA LEU A 46 -11.11 3.26 -11.03
C LEU A 46 -10.45 3.67 -12.34
N LEU A 47 -10.62 4.93 -12.73
CA LEU A 47 -9.99 5.44 -13.94
C LEU A 47 -8.87 6.42 -13.63
N ILE A 48 -9.12 7.31 -12.66
CA ILE A 48 -8.15 8.35 -12.33
C ILE A 48 -7.94 8.45 -10.82
N SER A 49 -6.69 8.58 -10.41
CA SER A 49 -6.36 8.75 -9.00
C SER A 49 -5.55 10.02 -8.79
N ASP A 50 -5.57 10.54 -7.57
CA ASP A 50 -4.79 11.73 -7.26
C ASP A 50 -5.09 12.86 -8.25
N ALA A 51 -6.37 13.05 -8.55
CA ALA A 51 -6.87 14.12 -9.41
C ALA A 51 -6.60 13.90 -10.90
N SER A 52 -5.35 13.57 -11.26
CA SER A 52 -5.00 13.54 -12.67
C SER A 52 -4.15 12.35 -13.13
N ASN A 53 -3.86 11.40 -12.25
CA ASN A 53 -3.05 10.25 -12.66
C ASN A 53 -3.89 9.14 -13.24
N MET A 54 -3.56 8.72 -14.46
CA MET A 54 -4.35 7.70 -15.14
C MET A 54 -3.97 6.31 -14.65
N GLU A 55 -4.97 5.44 -14.48
CA GLU A 55 -4.71 4.06 -14.12
C GLU A 55 -4.22 3.27 -15.32
N THR A 56 -3.37 2.28 -15.06
CA THR A 56 -2.87 1.43 -16.12
C THR A 56 -4.02 0.71 -16.81
N GLY A 57 -4.05 0.77 -18.13
CA GLY A 57 -5.08 0.09 -18.91
C GLY A 57 -6.20 1.05 -19.33
N VAL A 58 -6.22 2.25 -18.76
CA VAL A 58 -7.23 3.24 -19.11
C VAL A 58 -6.87 3.95 -20.41
N PRO A 59 -7.76 3.98 -21.40
CA PRO A 59 -7.60 4.62 -22.69
C PRO A 59 -7.17 6.08 -22.55
N SER A 60 -6.33 6.52 -23.48
CA SER A 60 -5.76 7.86 -23.47
C SER A 60 -6.80 8.96 -23.69
N ARG A 61 -7.99 8.57 -24.12
CA ARG A 61 -9.05 9.54 -24.33
C ARG A 61 -9.60 10.08 -23.02
N PHE A 62 -9.30 9.40 -21.92
CA PHE A 62 -9.72 9.84 -20.61
C PHE A 62 -8.67 10.74 -19.99
N SER A 63 -9.12 11.79 -19.32
CA SER A 63 -8.20 12.68 -18.61
C SER A 63 -8.91 13.41 -17.49
N GLY A 64 -8.16 14.12 -16.67
CA GLY A 64 -8.75 14.90 -15.60
C GLY A 64 -7.73 15.84 -14.97
N SER A 65 -8.22 16.85 -14.29
CA SER A 65 -7.37 17.85 -13.66
C SER A 65 -8.12 18.61 -12.59
N GLY A 66 -7.39 19.42 -11.83
CA GLY A 66 -8.02 20.29 -10.83
C GLY A 66 -7.30 20.21 -9.50
N SER A 67 -7.56 21.19 -8.65
CA SER A 67 -6.94 21.25 -7.34
C SER A 67 -7.77 22.08 -6.38
N GLY A 68 -7.83 21.65 -5.13
CA GLY A 68 -8.52 22.39 -4.09
C GLY A 68 -9.96 21.95 -3.97
N THR A 69 -10.87 22.75 -4.52
CA THR A 69 -12.29 22.44 -4.42
C THR A 69 -12.92 22.09 -5.75
N ASP A 70 -12.32 22.50 -6.86
CA ASP A 70 -12.95 22.34 -8.16
C ASP A 70 -12.17 21.43 -9.10
N PHE A 71 -12.76 20.29 -9.45
CA PHE A 71 -12.10 19.28 -10.27
C PHE A 71 -12.91 18.96 -11.54
N THR A 72 -12.22 18.60 -12.61
CA THR A 72 -12.89 18.25 -13.87
C THR A 72 -12.45 16.91 -14.42
N PHE A 73 -13.44 16.13 -14.88
CA PHE A 73 -13.20 14.87 -15.58
C PHE A 73 -13.59 15.03 -17.04
N THR A 74 -12.72 14.61 -17.95
CA THR A 74 -12.98 14.82 -19.37
C THR A 74 -12.80 13.57 -20.22
N ILE A 75 -13.72 13.39 -21.17
CA ILE A 75 -13.58 12.38 -22.22
C ILE A 75 -13.42 13.12 -23.55
N SER A 76 -12.24 13.03 -24.14
CA SER A 76 -11.92 13.83 -25.32
C SER A 76 -12.64 13.36 -26.58
N SER A 77 -13.14 12.13 -26.56
CA SER A 77 -13.84 11.57 -27.70
C SER A 77 -14.71 10.40 -27.26
N LEU A 78 -15.96 10.69 -26.92
CA LEU A 78 -16.83 9.69 -26.32
C LEU A 78 -17.04 8.49 -27.23
N GLN A 79 -16.86 7.30 -26.66
CA GLN A 79 -17.11 6.05 -27.37
C GLN A 79 -18.44 5.46 -26.88
N PRO A 80 -19.05 4.56 -27.65
CA PRO A 80 -20.26 3.83 -27.29
C PRO A 80 -20.12 2.93 -26.07
N GLU A 81 -18.88 2.65 -25.68
CA GLU A 81 -18.59 1.81 -24.51
C GLU A 81 -18.31 2.66 -23.26
N ASP A 82 -18.50 3.97 -23.39
CA ASP A 82 -18.19 4.91 -22.31
C ASP A 82 -19.50 5.33 -21.65
N ILE A 83 -20.58 4.62 -21.95
CA ILE A 83 -21.87 4.95 -21.37
C ILE A 83 -21.99 4.31 -20.00
N ALA A 84 -21.83 5.14 -18.97
CA ALA A 84 -21.72 4.69 -17.60
C ALA A 84 -21.98 5.84 -16.63
N THR A 85 -22.14 5.52 -15.36
CA THR A 85 -22.25 6.56 -14.34
C THR A 85 -20.90 6.82 -13.69
N TYR A 86 -20.49 8.07 -13.70
CA TYR A 86 -19.17 8.42 -13.17
C TYR A 86 -19.28 9.03 -11.77
N TYR A 87 -18.39 8.60 -10.89
CA TYR A 87 -18.39 9.11 -9.52
C TYR A 87 -17.05 9.72 -9.17
N CYS A 88 -17.06 10.79 -8.38
CA CYS A 88 -15.83 11.32 -7.79
C CYS A 88 -15.81 10.98 -6.30
N GLN A 89 -14.63 10.70 -5.78
CA GLN A 89 -14.49 10.31 -4.38
C GLN A 89 -13.28 10.95 -3.73
N GLN A 90 -13.48 11.52 -2.54
CA GLN A 90 -12.37 12.18 -1.86
C GLN A 90 -11.80 11.27 -0.79
N TYR A 91 -10.47 11.28 -0.68
CA TYR A 91 -9.78 10.55 0.36
C TYR A 91 -8.76 11.42 1.06
N ASP A 92 -9.08 12.70 1.19
CA ASP A 92 -8.23 13.64 1.90
C ASP A 92 -8.32 13.36 3.39
N ASN A 93 -9.53 13.05 3.85
CA ASN A 93 -9.69 12.67 5.24
C ASN A 93 -10.87 11.73 5.44
N LEU A 94 -10.85 11.00 6.55
CA LEU A 94 -11.93 10.09 6.92
C LEU A 94 -13.01 10.84 7.67
N PRO A 95 -14.27 10.48 7.43
CA PRO A 95 -14.80 9.47 6.53
C PRO A 95 -14.64 9.86 5.07
N PHE A 96 -14.49 8.87 4.21
CA PHE A 96 -14.40 9.09 2.77
C PHE A 96 -15.79 9.28 2.20
N THR A 97 -15.89 10.04 1.13
CA THR A 97 -17.20 10.30 0.54
C THR A 97 -17.19 10.22 -0.98
N PHE A 98 -18.34 9.82 -1.53
CA PHE A 98 -18.55 9.79 -2.97
C PHE A 98 -19.53 10.89 -3.38
N GLY A 99 -19.39 11.41 -4.59
CA GLY A 99 -20.36 12.38 -5.09
C GLY A 99 -21.63 11.65 -5.54
N PRO A 100 -22.70 12.40 -5.83
CA PRO A 100 -24.00 11.93 -6.28
C PRO A 100 -23.93 10.97 -7.46
N GLY A 101 -22.99 11.22 -8.37
CA GLY A 101 -22.85 10.40 -9.56
C GLY A 101 -23.43 11.08 -10.78
N THR A 102 -22.67 11.12 -11.86
CA THR A 102 -23.12 11.73 -13.10
C THR A 102 -23.35 10.69 -14.18
N LYS A 103 -24.57 10.60 -14.67
CA LYS A 103 -24.88 9.63 -15.70
C LYS A 103 -24.65 10.18 -17.09
N VAL A 104 -23.82 9.49 -17.87
CA VAL A 104 -23.61 9.85 -19.26
C VAL A 104 -24.42 8.92 -20.14
N ASP A 105 -25.38 9.48 -20.86
CA ASP A 105 -26.26 8.68 -21.69
C ASP A 105 -25.89 8.83 -23.15
N PHE A 106 -26.61 8.13 -24.03
CA PHE A 106 -26.31 8.17 -25.45
C PHE A 106 -27.31 9.07 -26.19
N LYS A 107 -26.80 10.10 -26.85
CA LYS A 107 -27.63 11.08 -27.58
C LYS A 107 -28.46 10.39 -28.67
N GLU B 1 -6.10 -13.03 -11.00
CA GLU B 1 -5.59 -13.68 -9.80
C GLU B 1 -6.32 -13.21 -8.53
N VAL B 2 -6.54 -11.88 -8.44
CA VAL B 2 -7.15 -11.26 -7.26
C VAL B 2 -8.67 -11.41 -7.23
N GLN B 3 -9.18 -11.91 -6.13
CA GLN B 3 -10.61 -12.09 -5.93
C GLN B 3 -11.07 -11.57 -4.58
N LEU B 4 -12.28 -11.04 -4.56
CA LEU B 4 -12.95 -10.66 -3.32
C LEU B 4 -14.38 -11.16 -3.38
N VAL B 5 -14.76 -12.03 -2.45
CA VAL B 5 -16.08 -12.64 -2.52
C VAL B 5 -16.94 -12.37 -1.30
N GLU B 6 -17.96 -11.54 -1.47
CA GLU B 6 -18.91 -11.25 -0.40
C GLU B 6 -19.92 -12.36 -0.25
N SER B 7 -20.34 -12.61 0.99
CA SER B 7 -21.40 -13.56 1.30
C SER B 7 -22.06 -13.19 2.61
N GLY B 8 -23.18 -13.83 2.92
CA GLY B 8 -23.88 -13.58 4.17
C GLY B 8 -25.04 -12.61 4.00
N GLY B 9 -25.41 -12.34 2.76
CA GLY B 9 -26.53 -11.44 2.49
C GLY B 9 -27.84 -12.18 2.72
N GLY B 10 -28.96 -11.54 2.40
CA GLY B 10 -30.26 -12.14 2.64
C GLY B 10 -31.30 -11.12 3.07
N VAL B 11 -32.42 -11.62 3.60
CA VAL B 11 -33.52 -10.77 4.00
C VAL B 11 -33.74 -10.83 5.50
N VAL B 12 -33.75 -9.68 6.16
CA VAL B 12 -33.95 -9.62 7.60
C VAL B 12 -35.01 -8.60 7.98
N GLN B 13 -35.57 -8.75 9.17
CA GLN B 13 -36.56 -7.79 9.68
C GLN B 13 -35.85 -6.54 10.23
N PRO B 14 -36.53 -5.39 10.23
CA PRO B 14 -36.13 -4.16 10.89
C PRO B 14 -35.87 -4.38 12.36
N GLY B 15 -34.78 -3.81 12.85
CA GLY B 15 -34.41 -3.96 14.26
C GLY B 15 -33.57 -5.21 14.47
N GLY B 16 -33.41 -6.00 13.42
CA GLY B 16 -32.65 -7.24 13.50
C GLY B 16 -31.17 -6.99 13.22
N SER B 17 -30.46 -8.07 12.91
CA SER B 17 -29.02 -7.99 12.67
C SER B 17 -28.58 -8.95 11.58
N LEU B 18 -27.44 -8.66 10.98
CA LEU B 18 -26.88 -9.50 9.93
C LEU B 18 -25.37 -9.34 9.86
N ARG B 19 -24.66 -10.45 9.74
CA ARG B 19 -23.20 -10.41 9.65
C ARG B 19 -22.72 -10.80 8.26
N LEU B 20 -22.03 -9.87 7.61
CA LEU B 20 -21.51 -10.11 6.27
C LEU B 20 -20.04 -10.48 6.35
N SER B 21 -19.56 -11.21 5.35
CA SER B 21 -18.15 -11.52 5.29
C SER B 21 -17.65 -11.45 3.85
N CYS B 22 -16.34 -11.23 3.70
CA CYS B 22 -15.67 -11.16 2.40
C CYS B 22 -14.38 -11.97 2.41
N ALA B 23 -14.32 -12.98 1.56
CA ALA B 23 -13.14 -13.83 1.47
C ALA B 23 -12.17 -13.26 0.45
N ALA B 24 -10.94 -13.03 0.87
CA ALA B 24 -9.93 -12.43 0.00
C ALA B 24 -8.90 -13.45 -0.41
N SER B 25 -8.45 -13.36 -1.67
CA SER B 25 -7.37 -14.19 -2.15
C SER B 25 -6.65 -13.55 -3.33
N GLY B 26 -5.43 -14.00 -3.61
CA GLY B 26 -4.67 -13.54 -4.76
C GLY B 26 -3.77 -12.35 -4.44
N PHE B 27 -3.84 -11.86 -3.21
CA PHE B 27 -3.03 -10.71 -2.80
C PHE B 27 -2.78 -10.89 -1.31
N THR B 28 -1.79 -10.19 -0.81
CA THR B 28 -1.44 -10.27 0.61
C THR B 28 -2.40 -9.37 1.40
N PHE B 29 -3.53 -9.97 1.74
CA PHE B 29 -4.64 -9.27 2.37
C PHE B 29 -4.22 -8.60 3.66
N ASN B 30 -3.30 -9.22 4.39
CA ASN B 30 -2.92 -8.72 5.71
C ASN B 30 -1.97 -7.52 5.64
N SER B 31 -1.71 -7.04 4.43
CA SER B 31 -0.86 -5.87 4.25
C SER B 31 -1.68 -4.62 3.93
N TYR B 32 -2.95 -4.81 3.58
CA TYR B 32 -3.78 -3.71 3.13
C TYR B 32 -4.92 -3.42 4.10
N GLY B 33 -5.33 -2.16 4.17
CA GLY B 33 -6.56 -1.80 4.85
C GLY B 33 -7.72 -2.16 3.95
N MET B 34 -8.92 -2.26 4.51
CA MET B 34 -10.08 -2.64 3.71
C MET B 34 -11.29 -1.75 3.98
N HIS B 35 -12.12 -1.57 2.96
CA HIS B 35 -13.30 -0.73 3.06
C HIS B 35 -14.58 -1.52 2.78
N TRP B 36 -15.68 -1.04 3.35
CA TRP B 36 -16.99 -1.47 2.92
C TRP B 36 -17.72 -0.31 2.27
N VAL B 37 -18.35 -0.57 1.13
CA VAL B 37 -19.12 0.41 0.38
C VAL B 37 -20.48 -0.17 0.04
N ARG B 38 -21.54 0.62 0.18
CA ARG B 38 -22.86 0.11 -0.13
C ARG B 38 -23.55 0.94 -1.19
N GLN B 39 -24.43 0.30 -1.95
CA GLN B 39 -25.19 1.02 -2.97
C GLN B 39 -26.65 0.62 -2.98
N ALA B 40 -27.52 1.50 -2.49
CA ALA B 40 -28.94 1.24 -2.50
C ALA B 40 -29.43 1.27 -3.93
N PRO B 41 -30.44 0.47 -4.30
CA PRO B 41 -31.06 0.45 -5.61
C PRO B 41 -31.46 1.84 -6.05
N GLY B 42 -31.02 2.23 -7.23
CA GLY B 42 -31.36 3.54 -7.80
C GLY B 42 -30.50 4.68 -7.25
N LYS B 43 -29.56 4.35 -6.36
CA LYS B 43 -28.72 5.36 -5.72
C LYS B 43 -27.25 5.20 -6.10
N GLY B 44 -26.44 6.16 -5.65
CA GLY B 44 -25.01 6.14 -5.93
C GLY B 44 -24.26 5.38 -4.84
N LEU B 45 -22.94 5.51 -4.85
CA LEU B 45 -22.09 4.78 -3.91
C LEU B 45 -22.01 5.49 -2.57
N GLU B 46 -22.07 4.73 -1.49
CA GLU B 46 -21.94 5.28 -0.16
C GLU B 46 -20.88 4.54 0.64
N TRP B 47 -19.91 5.27 1.15
CA TRP B 47 -18.85 4.68 1.96
C TRP B 47 -19.38 4.31 3.33
N VAL B 48 -19.05 3.12 3.82
CA VAL B 48 -19.58 2.65 5.09
C VAL B 48 -18.55 2.57 6.21
N ALA B 49 -17.43 1.88 5.96
CA ALA B 49 -16.45 1.67 7.03
C ALA B 49 -15.06 1.34 6.48
N PHE B 50 -14.05 1.55 7.32
CA PHE B 50 -12.66 1.24 6.98
C PHE B 50 -11.89 0.67 8.18
N ILE B 51 -11.10 -0.35 7.92
CA ILE B 51 -10.26 -0.95 8.96
C ILE B 51 -8.81 -1.03 8.49
N ARG B 52 -7.88 -0.72 9.37
CA ARG B 52 -6.45 -0.75 9.03
C ARG B 52 -5.89 -2.17 8.96
N TYR B 53 -4.74 -2.29 8.30
CA TYR B 53 -4.09 -3.59 8.06
C TYR B 53 -3.93 -4.46 9.31
N ASP B 54 -3.67 -3.82 10.46
CA ASP B 54 -3.40 -4.57 11.68
C ASP B 54 -4.67 -4.90 12.46
N GLY B 55 -5.81 -4.48 11.93
CA GLY B 55 -7.09 -4.75 12.57
C GLY B 55 -7.32 -3.86 13.78
N GLY B 56 -6.51 -2.81 13.91
CA GLY B 56 -6.58 -1.92 15.05
C GLY B 56 -7.60 -0.81 14.85
N ASN B 57 -7.15 0.32 14.32
CA ASN B 57 -8.03 1.47 14.15
C ASN B 57 -9.17 1.19 13.18
N LYS B 58 -10.36 1.64 13.57
CA LYS B 58 -11.56 1.44 12.77
C LYS B 58 -12.30 2.75 12.59
N TYR B 59 -12.83 2.96 11.39
CA TYR B 59 -13.55 4.19 11.08
C TYR B 59 -14.91 3.89 10.46
N TYR B 60 -15.89 4.72 10.77
CA TYR B 60 -17.24 4.51 10.26
C TYR B 60 -17.86 5.78 9.71
N ALA B 61 -18.76 5.62 8.76
CA ALA B 61 -19.58 6.73 8.29
C ALA B 61 -20.56 7.13 9.40
N ASP B 62 -20.89 8.42 9.47
CA ASP B 62 -21.78 8.90 10.52
C ASP B 62 -23.14 8.21 10.50
N SER B 63 -23.60 7.80 9.33
CA SER B 63 -24.90 7.19 9.19
C SER B 63 -24.99 5.77 9.75
N VAL B 64 -23.83 5.15 9.98
CA VAL B 64 -23.81 3.79 10.52
C VAL B 64 -23.04 3.73 11.83
N LYS B 65 -22.39 4.82 12.19
CA LYS B 65 -21.61 4.87 13.41
C LYS B 65 -22.47 4.55 14.61
N GLY B 66 -22.01 3.61 15.43
CA GLY B 66 -22.73 3.21 16.63
C GLY B 66 -23.60 1.98 16.39
N ARG B 67 -23.79 1.61 15.13
CA ARG B 67 -24.61 0.45 14.80
C ARG B 67 -23.80 -0.65 14.14
N PHE B 68 -22.89 -0.26 13.24
CA PHE B 68 -22.08 -1.23 12.52
C PHE B 68 -20.72 -1.41 13.18
N THR B 69 -20.19 -2.62 13.11
CA THR B 69 -18.83 -2.92 13.56
C THR B 69 -18.02 -3.60 12.47
N ILE B 70 -16.81 -3.11 12.24
CA ILE B 70 -15.94 -3.68 11.22
C ILE B 70 -14.81 -4.45 11.89
N SER B 71 -14.47 -5.61 11.34
CA SER B 71 -13.41 -6.42 11.89
C SER B 71 -12.78 -7.29 10.81
N ARG B 72 -11.63 -7.87 11.10
CA ARG B 72 -10.97 -8.74 10.15
C ARG B 72 -10.18 -9.84 10.84
N ASP B 73 -10.08 -10.99 10.18
CA ASP B 73 -9.24 -12.07 10.67
C ASP B 73 -8.16 -12.38 9.66
N ASN B 74 -6.94 -11.95 9.95
CA ASN B 74 -5.85 -12.01 8.98
C ASN B 74 -5.30 -13.42 8.79
N SER B 75 -5.71 -14.36 9.62
CA SER B 75 -5.24 -15.73 9.46
C SER B 75 -6.16 -16.51 8.53
N LYS B 76 -7.31 -15.93 8.20
CA LYS B 76 -8.29 -16.57 7.34
C LYS B 76 -8.53 -15.73 6.09
N ASN B 77 -7.83 -14.61 5.99
CA ASN B 77 -8.01 -13.65 4.91
C ASN B 77 -9.47 -13.27 4.75
N THR B 78 -10.15 -13.03 5.87
CA THR B 78 -11.57 -12.69 5.81
C THR B 78 -11.90 -11.38 6.49
N LEU B 79 -12.65 -10.55 5.77
CA LEU B 79 -13.14 -9.27 6.27
C LEU B 79 -14.59 -9.42 6.72
N TYR B 80 -14.94 -8.84 7.86
CA TYR B 80 -16.30 -8.95 8.37
C TYR B 80 -16.98 -7.60 8.60
N LEU B 81 -18.29 -7.58 8.45
CA LEU B 81 -19.10 -6.43 8.86
C LEU B 81 -20.31 -6.88 9.65
N GLN B 82 -20.37 -6.48 10.91
CA GLN B 82 -21.48 -6.86 11.78
C GLN B 82 -22.46 -5.73 11.92
N MET B 83 -23.67 -5.92 11.42
CA MET B 83 -24.65 -4.84 11.43
C MET B 83 -25.74 -5.09 12.47
N LYS B 84 -25.92 -4.13 13.37
CA LYS B 84 -26.96 -4.20 14.39
C LYS B 84 -28.01 -3.14 14.14
N SER B 85 -29.21 -3.36 14.68
CA SER B 85 -30.28 -2.37 14.59
C SER B 85 -30.48 -1.90 13.16
N LEU B 86 -30.67 -2.84 12.25
CA LEU B 86 -30.88 -2.54 10.85
C LEU B 86 -32.20 -1.83 10.59
N ARG B 87 -32.18 -0.92 9.63
CA ARG B 87 -33.37 -0.15 9.24
C ARG B 87 -33.68 -0.38 7.77
N ALA B 88 -34.89 -0.02 7.37
CA ALA B 88 -35.29 -0.18 5.97
C ALA B 88 -34.33 0.59 5.05
N GLU B 89 -33.82 1.71 5.53
CA GLU B 89 -32.92 2.56 4.77
C GLU B 89 -31.57 1.90 4.49
N ASP B 90 -31.29 0.79 5.17
CA ASP B 90 -30.02 0.09 5.01
C ASP B 90 -30.05 -0.92 3.88
N THR B 91 -31.18 -1.02 3.19
CA THR B 91 -31.25 -1.94 2.05
C THR B 91 -30.28 -1.47 0.98
N ALA B 92 -29.34 -2.34 0.61
CA ALA B 92 -28.32 -1.98 -0.35
C ALA B 92 -27.49 -3.18 -0.76
N VAL B 93 -26.76 -3.03 -1.85
CA VAL B 93 -25.74 -4.01 -2.20
C VAL B 93 -24.43 -3.64 -1.52
N TYR B 94 -23.92 -4.54 -0.71
CA TYR B 94 -22.71 -4.28 0.04
C TYR B 94 -21.48 -4.87 -0.64
N TYR B 95 -20.47 -4.04 -0.82
CA TYR B 95 -19.22 -4.45 -1.43
C TYR B 95 -18.09 -4.36 -0.42
N CYS B 96 -17.13 -5.28 -0.53
CA CYS B 96 -15.83 -5.15 0.12
C CYS B 96 -14.87 -4.64 -0.94
N ALA B 97 -13.97 -3.75 -0.56
CA ALA B 97 -13.09 -3.16 -1.54
C ALA B 97 -11.76 -2.74 -0.98
N ASN B 98 -10.77 -2.71 -1.84
CA ASN B 98 -9.46 -2.17 -1.53
C ASN B 98 -9.28 -0.92 -2.37
N LEU B 99 -9.61 0.24 -1.82
CA LEU B 99 -9.67 1.45 -2.62
C LEU B 99 -8.32 2.11 -2.72
N LYS B 100 -7.93 2.49 -3.94
CA LYS B 100 -6.63 3.15 -4.11
C LYS B 100 -6.61 4.44 -3.30
N ASP B 101 -5.60 4.56 -2.45
CA ASP B 101 -5.56 5.61 -1.45
C ASP B 101 -4.14 5.96 -1.02
N SER B 102 -3.66 7.10 -1.49
CA SER B 102 -2.28 7.51 -1.25
C SER B 102 -2.09 8.19 0.09
N ARG B 103 -3.17 8.31 0.87
CA ARG B 103 -3.08 9.02 2.14
C ARG B 103 -3.16 8.10 3.36
N TYR B 104 -4.07 7.15 3.34
CA TYR B 104 -4.30 6.34 4.53
C TYR B 104 -3.88 4.88 4.39
N SER B 105 -4.49 4.14 3.48
CA SER B 105 -4.19 2.71 3.39
C SER B 105 -2.90 2.43 2.65
N GLY B 106 -2.52 3.31 1.73
CA GLY B 106 -1.30 3.13 0.97
C GLY B 106 -1.48 2.13 -0.16
N SER B 107 -2.73 1.84 -0.50
CA SER B 107 -3.01 0.89 -1.58
C SER B 107 -2.68 1.52 -2.92
N TYR B 108 -1.96 0.77 -3.76
CA TYR B 108 -1.61 1.25 -5.09
C TYR B 108 -2.49 0.60 -6.14
N TYR B 109 -3.37 -0.29 -5.70
CA TYR B 109 -4.24 -1.04 -6.60
C TYR B 109 -5.67 -0.94 -6.13
N ASP B 110 -6.61 -0.97 -7.06
CA ASP B 110 -8.01 -0.83 -6.71
C ASP B 110 -8.77 -2.13 -6.99
N TYR B 111 -9.27 -2.77 -5.93
CA TYR B 111 -9.97 -4.06 -6.06
C TYR B 111 -11.38 -3.97 -5.50
N TRP B 112 -12.32 -4.63 -6.16
CA TRP B 112 -13.70 -4.70 -5.68
C TRP B 112 -14.23 -6.12 -5.72
N GLY B 113 -15.16 -6.43 -4.83
CA GLY B 113 -15.82 -7.72 -4.85
C GLY B 113 -17.03 -7.72 -5.78
N GLN B 114 -17.94 -8.66 -5.58
CA GLN B 114 -19.07 -8.85 -6.47
C GLN B 114 -20.31 -8.15 -5.96
N GLY B 115 -20.40 -8.01 -4.64
CA GLY B 115 -21.53 -7.35 -4.01
C GLY B 115 -22.57 -8.34 -3.50
N THR B 116 -22.98 -8.18 -2.24
CA THR B 116 -24.00 -9.04 -1.66
C THR B 116 -25.19 -8.20 -1.22
N LEU B 117 -26.39 -8.63 -1.61
CA LEU B 117 -27.59 -7.83 -1.34
C LEU B 117 -28.16 -8.08 0.05
N VAL B 118 -28.38 -6.99 0.77
CA VAL B 118 -29.04 -7.04 2.06
C VAL B 118 -30.36 -6.29 2.01
N THR B 119 -31.43 -6.99 2.34
CA THR B 119 -32.76 -6.39 2.33
C THR B 119 -33.34 -6.34 3.73
N VAL B 120 -33.81 -5.16 4.13
CA VAL B 120 -34.40 -5.01 5.44
C VAL B 120 -35.88 -4.63 5.30
N SER B 121 -36.77 -5.53 5.74
CA SER B 121 -38.22 -5.36 5.57
C SER B 121 -38.98 -6.42 6.37
N GLN C 14 14.69 8.48 -20.39
CA GLN C 14 13.56 7.89 -21.09
C GLN C 14 13.03 6.67 -20.34
N CYS C 15 11.74 6.73 -19.96
CA CYS C 15 11.05 5.62 -19.31
C CYS C 15 10.63 4.57 -20.34
N VAL C 16 10.73 3.30 -19.96
CA VAL C 16 10.30 2.21 -20.83
C VAL C 16 9.31 1.33 -20.08
N ASN C 17 8.54 0.51 -20.80
CA ASN C 17 7.52 -0.35 -20.20
C ASN C 17 8.06 -1.76 -19.96
N LEU C 18 8.41 -2.06 -18.69
CA LEU C 18 8.95 -3.35 -18.29
C LEU C 18 7.82 -4.27 -17.82
N THR C 19 6.88 -3.71 -17.09
CA THR C 19 5.77 -4.48 -16.53
C THR C 19 4.70 -4.74 -17.56
N THR C 20 5.02 -5.58 -18.55
CA THR C 20 4.12 -5.89 -19.65
C THR C 20 3.36 -7.18 -19.38
N ARG C 21 3.72 -7.86 -18.30
CA ARG C 21 3.09 -9.12 -17.90
C ARG C 21 2.09 -8.86 -16.80
N THR C 22 1.21 -9.84 -16.56
CA THR C 22 0.23 -9.72 -15.49
C THR C 22 0.89 -9.95 -14.14
N GLN C 23 0.21 -9.54 -13.08
CA GLN C 23 0.74 -9.68 -11.73
C GLN C 23 0.75 -11.14 -11.28
N LEU C 24 1.87 -11.56 -10.71
CA LEU C 24 1.99 -12.92 -10.19
C LEU C 24 1.41 -13.00 -8.78
N PRO C 25 0.89 -14.16 -8.37
CA PRO C 25 0.38 -14.44 -7.04
C PRO C 25 1.52 -14.43 -6.02
N PRO C 26 1.22 -14.09 -4.77
CA PRO C 26 2.13 -14.00 -3.64
C PRO C 26 2.54 -15.35 -3.10
N ALA C 27 3.74 -15.40 -2.53
CA ALA C 27 4.21 -16.54 -1.76
C ALA C 27 4.54 -16.05 -0.36
N TYR C 28 4.54 -16.95 0.62
CA TYR C 28 4.80 -16.53 2.00
C TYR C 28 5.85 -17.39 2.68
N THR C 29 6.60 -16.78 3.59
CA THR C 29 7.56 -17.52 4.40
C THR C 29 7.39 -17.19 5.87
N ASN C 30 8.10 -17.93 6.72
CA ASN C 30 8.02 -17.78 8.17
C ASN C 30 9.10 -16.84 8.70
N SER C 31 8.70 -15.77 9.38
CA SER C 31 9.65 -14.78 9.91
C SER C 31 10.45 -15.31 11.08
N PHE C 32 9.97 -16.40 11.66
CA PHE C 32 10.58 -16.97 12.86
C PHE C 32 10.78 -15.90 13.92
N THR C 33 12.04 -15.66 14.30
CA THR C 33 12.33 -14.72 15.37
C THR C 33 13.18 -13.55 14.86
N ARG C 34 13.09 -13.27 13.57
CA ARG C 34 13.90 -12.24 12.94
C ARG C 34 13.14 -10.92 12.85
N GLY C 35 13.88 -9.83 12.62
CA GLY C 35 13.28 -8.52 12.45
C GLY C 35 13.34 -7.65 13.69
N VAL C 36 14.08 -8.12 14.70
CA VAL C 36 14.26 -7.37 15.93
C VAL C 36 15.46 -6.43 15.82
N TYR C 37 15.26 -5.18 16.23
CA TYR C 37 16.30 -4.17 16.17
C TYR C 37 16.51 -3.52 17.52
N TYR C 38 17.65 -2.89 17.72
CA TYR C 38 17.93 -2.18 18.96
C TYR C 38 17.02 -0.96 19.07
N PRO C 39 16.09 -0.95 20.03
CA PRO C 39 15.00 0.01 20.16
C PRO C 39 15.50 1.44 20.39
N ASP C 40 16.69 1.58 20.96
CA ASP C 40 17.26 2.90 21.19
C ASP C 40 18.78 2.86 21.27
N LYS C 41 19.39 4.03 21.42
CA LYS C 41 20.84 4.14 21.53
C LYS C 41 21.27 4.23 22.97
N VAL C 42 20.93 3.19 23.73
CA VAL C 42 21.23 3.13 25.16
C VAL C 42 21.98 1.85 25.48
N PHE C 43 23.07 1.96 26.21
CA PHE C 43 23.82 0.76 26.57
C PHE C 43 23.22 0.10 27.80
N ARG C 44 22.94 -1.19 27.65
CA ARG C 44 22.44 -2.02 28.73
C ARG C 44 23.23 -3.30 28.72
N SER C 45 23.39 -3.96 29.85
CA SER C 45 24.09 -5.23 29.86
C SER C 45 23.59 -6.16 30.96
N SER C 46 23.66 -7.45 30.69
CA SER C 46 23.24 -8.48 31.64
C SER C 46 21.88 -8.15 32.24
N VAL C 47 20.93 -7.80 31.39
CA VAL C 47 19.62 -7.38 31.85
C VAL C 47 18.52 -7.72 30.87
N LEU C 48 17.34 -8.02 31.40
CA LEU C 48 16.18 -8.24 30.57
C LEU C 48 15.31 -6.99 30.56
N HIS C 49 15.20 -6.35 29.41
CA HIS C 49 14.50 -5.08 29.31
C HIS C 49 13.21 -5.20 28.51
N SER C 50 12.12 -4.73 29.10
CA SER C 50 10.82 -4.75 28.45
C SER C 50 10.54 -3.45 27.74
N THR C 51 10.34 -3.51 26.43
CA THR C 51 10.15 -2.32 25.62
C THR C 51 8.93 -2.42 24.71
N GLN C 52 8.24 -1.31 24.54
CA GLN C 52 7.10 -1.24 23.62
C GLN C 52 7.44 -0.39 22.41
N ASP C 53 7.44 -1.01 21.24
CA ASP C 53 7.82 -0.35 20.00
C ASP C 53 7.24 -1.10 18.81
N LEU C 54 7.52 -0.61 17.61
CA LEU C 54 7.06 -1.29 16.41
C LEU C 54 8.05 -2.38 16.00
N PHE C 55 7.60 -3.62 16.12
CA PHE C 55 8.44 -4.78 15.84
C PHE C 55 7.74 -5.73 14.88
N LEU C 56 8.52 -6.56 14.19
CA LEU C 56 7.93 -7.60 13.35
C LEU C 56 7.49 -8.75 14.25
N PRO C 57 6.21 -9.11 14.27
CA PRO C 57 5.64 -10.19 15.07
C PRO C 57 6.34 -11.50 14.79
N PHE C 58 6.56 -12.29 15.84
CA PHE C 58 7.23 -13.58 15.68
C PHE C 58 6.35 -14.59 14.97
N PHE C 59 6.98 -15.41 14.15
CA PHE C 59 6.33 -16.47 13.41
C PHE C 59 5.20 -15.96 12.53
N SER C 60 5.36 -14.78 11.97
CA SER C 60 4.36 -14.20 11.10
C SER C 60 4.66 -14.52 9.63
N ASN C 61 3.65 -14.32 8.77
CA ASN C 61 3.77 -14.60 7.33
C ASN C 61 4.36 -13.40 6.58
N VAL C 62 5.59 -13.57 6.09
CA VAL C 62 6.33 -12.55 5.35
C VAL C 62 6.17 -12.81 3.86
N THR C 63 5.82 -11.77 3.11
CA THR C 63 5.56 -11.97 1.70
C THR C 63 6.87 -12.12 0.93
N TRP C 64 6.94 -13.15 0.12
CA TRP C 64 8.12 -13.42 -0.70
C TRP C 64 7.87 -13.03 -2.15
N PHE C 65 8.54 -11.99 -2.60
CA PHE C 65 8.35 -11.45 -3.94
C PHE C 65 9.42 -11.92 -4.90
N HIS C 66 9.02 -12.17 -6.13
CA HIS C 66 9.96 -12.50 -7.20
C HIS C 66 9.90 -11.43 -8.27
N ALA C 67 10.59 -10.31 -8.03
CA ALA C 67 10.52 -9.17 -8.92
C ALA C 67 10.96 -9.54 -10.33
N ILE C 68 11.98 -10.39 -10.42
CA ILE C 68 12.42 -10.89 -11.71
C ILE C 68 12.39 -12.40 -11.70
N HIS C 69 11.44 -12.98 -12.41
CA HIS C 69 11.30 -14.43 -12.42
C HIS C 69 11.84 -15.00 -13.74
N VAL C 70 12.52 -16.15 -13.63
CA VAL C 70 13.13 -16.83 -14.78
C VAL C 70 12.71 -18.30 -14.78
N LYS C 77 11.93 -14.16 -18.58
CA LYS C 77 12.17 -12.76 -18.24
C LYS C 77 10.85 -12.07 -17.86
N ARG C 78 10.30 -12.45 -16.71
CA ARG C 78 9.05 -11.86 -16.20
C ARG C 78 9.35 -10.78 -15.17
N PHE C 79 9.08 -9.53 -15.53
CA PHE C 79 9.33 -8.42 -14.63
C PHE C 79 8.04 -7.96 -13.95
N ASP C 80 8.00 -8.10 -12.63
CA ASP C 80 6.84 -7.72 -11.84
C ASP C 80 7.29 -7.16 -10.49
N ASN C 81 7.40 -5.86 -10.41
CA ASN C 81 7.98 -5.20 -9.25
C ASN C 81 7.05 -4.13 -8.70
N PRO C 82 6.05 -4.52 -7.90
CA PRO C 82 4.88 -3.76 -7.50
C PRO C 82 5.19 -2.69 -6.49
N VAL C 83 4.32 -1.68 -6.44
CA VAL C 83 4.35 -0.69 -5.38
C VAL C 83 3.61 -1.22 -4.16
N LEU C 84 4.26 -1.18 -3.01
CA LEU C 84 3.69 -1.73 -1.80
C LEU C 84 3.37 -0.63 -0.79
N PRO C 85 2.41 -0.85 0.11
CA PRO C 85 2.08 0.01 1.21
C PRO C 85 3.22 0.03 2.22
N PHE C 86 3.36 1.14 2.93
CA PHE C 86 4.40 1.27 3.95
C PHE C 86 3.84 0.99 5.34
N ASN C 87 2.55 1.27 5.51
CA ASN C 87 1.88 1.11 6.79
C ASN C 87 2.63 1.84 7.90
N ASP C 88 2.99 1.12 8.97
CA ASP C 88 3.64 1.74 10.11
C ASP C 88 5.14 1.44 10.16
N GLY C 89 5.65 0.86 9.09
CA GLY C 89 7.06 0.50 9.03
C GLY C 89 7.23 -0.81 8.28
N VAL C 90 8.38 -0.99 7.67
CA VAL C 90 8.62 -2.14 6.81
C VAL C 90 9.87 -2.93 7.16
N TYR C 91 9.72 -4.25 7.21
CA TYR C 91 10.85 -5.16 7.31
C TYR C 91 11.19 -5.68 5.93
N PHE C 92 12.42 -5.44 5.49
CA PHE C 92 12.83 -5.83 4.15
C PHE C 92 14.07 -6.72 4.20
N ALA C 93 14.07 -7.80 3.44
CA ALA C 93 15.22 -8.68 3.43
C ALA C 93 15.45 -9.27 2.04
N SER C 94 16.72 -9.53 1.71
CA SER C 94 17.03 -10.15 0.43
C SER C 94 18.32 -10.97 0.50
N THR C 95 18.42 -11.98 -0.34
CA THR C 95 19.61 -12.82 -0.41
C THR C 95 20.11 -12.96 -1.85
N GLU C 96 21.10 -12.17 -2.22
CA GLU C 96 21.63 -12.21 -3.58
C GLU C 96 23.10 -11.84 -3.63
N LYS C 97 23.79 -12.34 -4.65
CA LYS C 97 25.19 -11.97 -4.90
C LYS C 97 25.33 -11.16 -6.18
N SER C 98 24.21 -10.90 -6.85
CA SER C 98 24.23 -10.26 -8.16
C SER C 98 24.15 -8.74 -8.09
N ASN C 99 23.91 -8.20 -6.90
CA ASN C 99 23.77 -6.76 -6.71
C ASN C 99 22.72 -6.16 -7.64
N ILE C 100 21.55 -6.80 -7.71
CA ILE C 100 20.46 -6.31 -8.53
C ILE C 100 19.65 -5.29 -7.77
N ILE C 101 19.39 -5.55 -6.50
CA ILE C 101 18.67 -4.59 -5.68
C ILE C 101 19.61 -3.47 -5.30
N ARG C 102 19.25 -2.24 -5.62
CA ARG C 102 20.12 -1.11 -5.37
C ARG C 102 19.54 -0.13 -4.37
N GLY C 103 18.22 -0.03 -4.31
CA GLY C 103 17.65 1.02 -3.49
C GLY C 103 16.15 0.96 -3.40
N TRP C 104 15.57 2.02 -2.84
CA TRP C 104 14.15 2.09 -2.59
C TRP C 104 13.59 3.48 -2.86
N ILE C 105 12.31 3.55 -3.18
CA ILE C 105 11.58 4.79 -3.28
C ILE C 105 10.49 4.84 -2.23
N PHE C 106 10.44 5.91 -1.45
CA PHE C 106 9.39 6.07 -0.45
C PHE C 106 8.64 7.37 -0.66
N GLY C 107 7.33 7.33 -0.50
CA GLY C 107 6.52 8.55 -0.66
C GLY C 107 5.03 8.26 -0.59
N THR C 108 4.24 9.17 -1.16
CA THR C 108 2.79 9.05 -1.16
C THR C 108 2.28 8.86 -2.57
N THR C 109 2.18 9.95 -3.32
CA THR C 109 1.67 9.91 -4.68
C THR C 109 2.76 9.47 -5.66
N LEU C 110 4.02 9.54 -5.23
CA LEU C 110 5.15 9.11 -6.03
C LEU C 110 5.19 9.80 -7.39
N ASP C 111 4.90 11.09 -7.40
CA ASP C 111 4.94 11.90 -8.61
C ASP C 111 5.36 13.33 -8.28
N SER C 112 5.29 14.21 -9.27
CA SER C 112 5.79 15.58 -9.14
C SER C 112 4.98 16.44 -8.17
N LYS C 113 3.88 15.93 -7.66
CA LYS C 113 3.04 16.73 -6.76
C LYS C 113 3.52 16.75 -5.32
N THR C 114 4.31 15.75 -4.90
CA THR C 114 4.74 15.68 -3.51
C THR C 114 6.22 15.38 -3.37
N GLN C 115 6.76 15.61 -2.18
CA GLN C 115 8.13 15.24 -1.88
C GLN C 115 8.26 13.73 -1.76
N SER C 116 9.30 13.17 -2.36
CA SER C 116 9.55 11.73 -2.27
C SER C 116 11.00 11.45 -1.92
N LEU C 117 11.22 10.35 -1.23
CA LEU C 117 12.54 9.93 -0.78
C LEU C 117 13.15 8.87 -1.68
N LEU C 118 14.29 9.18 -2.27
CA LEU C 118 14.98 8.25 -3.15
C LEU C 118 16.32 7.81 -2.56
N ILE C 119 16.44 6.52 -2.29
CA ILE C 119 17.68 5.97 -1.74
C ILE C 119 18.31 5.03 -2.76
N VAL C 120 19.47 5.42 -3.29
CA VAL C 120 20.13 4.58 -4.30
C VAL C 120 21.59 4.28 -3.94
N ASN C 121 21.91 3.00 -3.89
CA ASN C 121 23.28 2.57 -3.64
C ASN C 121 24.02 2.31 -4.95
N ASN C 122 25.34 2.52 -4.95
CA ASN C 122 26.20 2.17 -6.07
C ASN C 122 27.55 1.65 -5.58
N ALA C 123 28.52 1.54 -6.49
CA ALA C 123 29.82 0.93 -6.21
C ALA C 123 30.61 1.61 -5.08
N THR C 124 30.49 2.92 -4.95
CA THR C 124 31.33 3.63 -3.99
C THR C 124 30.58 4.35 -2.87
N ASN C 125 29.30 4.65 -3.10
CA ASN C 125 28.56 5.46 -2.14
C ASN C 125 27.07 5.12 -2.10
N VAL C 126 26.37 5.81 -1.21
CA VAL C 126 24.90 5.79 -1.18
C VAL C 126 24.39 7.22 -1.25
N VAL C 127 23.45 7.47 -2.14
CA VAL C 127 22.93 8.81 -2.29
C VAL C 127 21.46 8.87 -1.92
N ILE C 128 21.14 9.72 -0.96
CA ILE C 128 19.77 9.88 -0.51
C ILE C 128 19.27 11.28 -0.78
N LYS C 129 18.21 11.39 -1.57
CA LYS C 129 17.65 12.68 -1.93
C LYS C 129 16.16 12.75 -1.66
N VAL C 130 15.70 13.92 -1.24
CA VAL C 130 14.27 14.16 -1.12
C VAL C 130 13.87 15.34 -1.99
N CYS C 131 13.09 15.07 -3.03
CA CYS C 131 12.73 16.03 -4.06
C CYS C 131 11.35 15.73 -4.62
N GLU C 132 10.81 16.63 -5.43
CA GLU C 132 9.56 16.34 -6.11
C GLU C 132 9.86 15.58 -7.40
N PHE C 133 10.08 14.28 -7.23
CA PHE C 133 10.47 13.41 -8.34
C PHE C 133 9.27 13.02 -9.18
N GLN C 134 9.42 13.06 -10.48
CA GLN C 134 8.42 12.50 -11.37
C GLN C 134 8.89 11.13 -11.84
N PHE C 135 8.44 10.10 -11.14
CA PHE C 135 8.95 8.75 -11.35
C PHE C 135 8.33 8.09 -12.57
N CYS C 136 9.05 7.14 -13.17
CA CYS C 136 8.55 6.29 -14.25
C CYS C 136 7.48 5.33 -13.71
N ASN C 137 6.69 4.75 -14.60
CA ASN C 137 5.63 3.84 -14.18
C ASN C 137 6.20 2.63 -13.44
N ASP C 138 7.37 2.17 -13.87
CA ASP C 138 8.03 1.01 -13.30
C ASP C 138 9.54 1.20 -13.25
N PRO C 139 10.01 2.12 -12.41
CA PRO C 139 11.32 2.75 -12.44
C PRO C 139 12.42 1.75 -12.15
N PHE C 140 13.58 1.96 -12.77
CA PHE C 140 14.73 1.10 -12.56
C PHE C 140 16.01 1.88 -12.76
N LEU C 141 17.12 1.31 -12.33
CA LEU C 141 18.41 1.97 -12.50
C LEU C 141 19.11 1.41 -13.73
N GLY C 142 19.55 2.30 -14.63
CA GLY C 142 20.15 1.86 -15.88
C GLY C 142 21.65 1.69 -15.77
N VAL C 143 22.13 0.49 -16.10
CA VAL C 143 23.55 0.18 -16.06
C VAL C 143 24.09 -0.16 -17.45
N TYR C 144 25.12 0.55 -17.87
CA TYR C 144 25.71 0.38 -19.19
C TYR C 144 27.17 -0.03 -19.11
N TYR C 145 27.62 -0.83 -20.07
CA TYR C 145 29.03 -1.15 -20.16
C TYR C 145 29.62 -0.66 -21.48
N HIS C 146 30.74 0.07 -21.39
CA HIS C 146 31.44 0.62 -22.56
C HIS C 146 32.68 -0.20 -22.86
N SER C 151 34.84 0.46 -19.08
CA SER C 151 34.26 1.30 -18.03
C SER C 151 32.74 1.14 -17.96
N TRP C 152 32.18 1.46 -16.78
CA TRP C 152 30.74 1.36 -16.54
C TRP C 152 30.10 2.74 -16.39
N MET C 153 28.86 2.85 -16.85
CA MET C 153 28.09 4.07 -16.70
C MET C 153 26.75 3.77 -16.05
N GLU C 154 26.29 4.67 -15.19
CA GLU C 154 25.05 4.45 -14.47
C GLU C 154 24.16 5.70 -14.52
N SER C 155 22.87 5.49 -14.76
CA SER C 155 21.96 6.62 -14.90
C SER C 155 20.67 6.48 -14.10
N GLU C 156 20.32 7.56 -13.41
CA GLU C 156 19.10 7.62 -12.61
C GLU C 156 17.91 8.12 -13.42
N PHE C 157 18.13 8.43 -14.68
CA PHE C 157 17.04 8.96 -15.51
C PHE C 157 16.15 7.86 -16.05
N ARG C 158 16.42 6.64 -15.59
CA ARG C 158 15.56 5.51 -15.87
C ARG C 158 14.66 5.27 -14.67
N VAL C 159 14.88 6.07 -13.62
CA VAL C 159 14.09 6.02 -12.40
C VAL C 159 13.05 7.13 -12.43
N TYR C 160 13.52 8.34 -12.74
CA TYR C 160 12.66 9.51 -12.83
C TYR C 160 12.99 10.31 -14.08
N SER C 161 12.00 11.07 -14.56
CA SER C 161 12.22 11.91 -15.73
C SER C 161 12.83 13.24 -15.33
N SER C 162 12.41 13.75 -14.18
CA SER C 162 12.89 15.02 -13.65
C SER C 162 12.64 15.11 -12.17
N ALA C 163 13.30 16.06 -11.52
CA ALA C 163 13.06 16.33 -10.11
C ALA C 163 13.37 17.78 -9.78
N ASN C 164 12.56 18.38 -8.92
CA ASN C 164 12.78 19.76 -8.52
C ASN C 164 12.47 19.98 -7.04
N ASN C 165 12.69 21.21 -6.55
CA ASN C 165 12.37 21.60 -5.17
C ASN C 165 12.94 20.62 -4.15
N CYS C 166 14.24 20.32 -4.27
CA CYS C 166 14.91 19.39 -3.35
C CYS C 166 15.10 20.01 -1.98
N THR C 167 14.75 19.25 -0.93
CA THR C 167 14.80 19.76 0.43
C THR C 167 15.86 19.07 1.27
N PHE C 168 16.30 17.88 0.86
CA PHE C 168 17.26 17.12 1.63
C PHE C 168 18.21 16.32 0.76
N GLU C 169 19.48 16.30 1.13
CA GLU C 169 20.47 15.48 0.46
C GLU C 169 21.49 14.93 1.45
N TYR C 170 21.79 13.63 1.31
CA TYR C 170 22.75 12.97 2.17
C TYR C 170 23.59 11.97 1.38
N VAL C 171 24.90 11.99 1.60
CA VAL C 171 25.78 11.04 0.93
C VAL C 171 26.72 10.37 1.92
N SER C 172 26.79 9.05 1.86
CA SER C 172 27.66 8.28 2.75
C SER C 172 28.14 7.01 2.08
N GLN C 173 28.57 6.04 2.88
CA GLN C 173 29.07 4.78 2.37
C GLN C 173 27.89 3.85 2.08
N PRO C 174 28.05 2.88 1.15
CA PRO C 174 27.01 1.96 0.69
C PRO C 174 26.33 1.23 1.84
N PHE C 175 25.01 1.12 1.76
CA PHE C 175 24.21 0.37 2.72
C PHE C 175 24.29 -1.13 2.46
N LEU C 176 24.34 -1.51 1.19
CA LEU C 176 24.32 -2.90 0.75
C LEU C 176 25.73 -3.49 0.76
N PHE C 186 28.61 -19.71 0.08
CA PHE C 186 27.41 -19.23 0.75
C PHE C 186 26.91 -17.94 0.11
N LYS C 187 25.79 -17.41 0.61
CA LYS C 187 25.20 -16.15 0.15
C LYS C 187 25.12 -15.14 1.29
N ASN C 188 25.00 -13.87 0.95
CA ASN C 188 24.86 -12.84 1.97
C ASN C 188 23.41 -12.41 2.13
N LEU C 189 22.91 -12.49 3.36
CA LEU C 189 21.55 -12.07 3.67
C LEU C 189 21.54 -10.65 4.25
N ARG C 190 20.83 -9.76 3.58
CA ARG C 190 20.77 -8.37 3.99
C ARG C 190 19.39 -8.04 4.54
N GLU C 191 19.35 -7.50 5.75
CA GLU C 191 18.08 -7.18 6.39
C GLU C 191 18.01 -5.71 6.78
N PHE C 192 16.87 -5.09 6.50
CA PHE C 192 16.63 -3.69 6.82
C PHE C 192 15.29 -3.46 7.50
N VAL C 193 15.23 -2.46 8.36
CA VAL C 193 13.98 -2.00 8.93
C VAL C 193 13.80 -0.51 8.68
N PHE C 194 12.67 -0.15 8.08
CA PHE C 194 12.39 1.24 7.74
C PHE C 194 11.23 1.80 8.56
N LYS C 195 11.51 2.87 9.31
CA LYS C 195 10.49 3.54 10.11
C LYS C 195 10.43 5.02 9.77
N ASN C 196 9.27 5.65 9.97
CA ASN C 196 9.13 7.08 9.70
C ASN C 196 8.33 7.75 10.80
N ILE C 197 9.02 8.19 11.85
CA ILE C 197 8.33 8.71 13.03
C ILE C 197 8.75 10.13 13.38
N ASP C 198 7.77 11.00 13.50
CA ASP C 198 7.98 12.41 13.87
C ASP C 198 8.96 13.10 12.94
N GLY C 199 8.89 12.77 11.65
CA GLY C 199 9.73 13.41 10.65
C GLY C 199 11.05 12.70 10.41
N TYR C 200 11.40 11.75 11.28
CA TYR C 200 12.66 11.05 11.12
C TYR C 200 12.51 9.71 10.43
N PHE C 201 13.24 9.53 9.33
CA PHE C 201 13.26 8.26 8.65
C PHE C 201 14.41 7.45 9.19
N LYS C 202 14.08 6.40 9.94
CA LYS C 202 15.08 5.63 10.64
C LYS C 202 15.36 4.31 9.95
N ILE C 203 16.63 4.06 9.68
CA ILE C 203 17.03 2.83 9.01
C ILE C 203 17.90 1.98 9.93
N TYR C 204 17.54 0.71 10.07
CA TYR C 204 18.33 -0.27 10.80
C TYR C 204 18.77 -1.34 9.83
N SER C 205 19.92 -1.95 10.05
CA SER C 205 20.37 -2.99 9.12
C SER C 205 21.30 -4.03 9.73
N LYS C 206 21.33 -5.21 9.13
CA LYS C 206 22.25 -6.28 9.51
C LYS C 206 22.68 -7.09 8.28
N HIS C 207 23.93 -7.54 8.29
CA HIS C 207 24.47 -8.37 7.22
C HIS C 207 25.03 -9.68 7.78
N THR C 208 24.43 -10.80 7.40
CA THR C 208 24.88 -12.10 7.88
C THR C 208 25.04 -13.07 6.70
N PRO C 209 25.89 -14.09 6.83
CA PRO C 209 26.02 -15.22 5.93
C PRO C 209 24.84 -16.15 6.04
N ILE C 210 24.47 -16.79 4.93
CA ILE C 210 23.39 -17.76 4.92
C ILE C 210 23.71 -18.92 3.96
N ASN C 211 23.35 -20.14 4.37
CA ASN C 211 23.57 -21.33 3.54
C ASN C 211 22.27 -22.02 3.17
N LEU C 212 21.16 -21.29 3.32
CA LEU C 212 19.84 -21.79 3.02
C LEU C 212 19.27 -21.10 1.79
N VAL C 213 18.27 -21.72 1.17
CA VAL C 213 17.61 -21.11 0.03
C VAL C 213 16.09 -21.15 0.16
N ARG C 214 15.42 -20.18 -0.47
CA ARG C 214 13.97 -20.12 -0.55
C ARG C 214 13.29 -19.90 0.80
N ASP C 215 14.04 -19.41 1.78
CA ASP C 215 13.45 -19.13 3.09
C ASP C 215 14.31 -18.18 3.92
N LEU C 216 13.84 -17.88 5.12
CA LEU C 216 14.61 -17.13 6.09
C LEU C 216 15.12 -18.10 7.15
N PRO C 217 16.34 -17.89 7.66
CA PRO C 217 17.04 -18.74 8.61
C PRO C 217 16.44 -18.65 10.00
N GLN C 218 16.67 -19.67 10.80
CA GLN C 218 16.25 -19.65 12.20
C GLN C 218 17.39 -19.14 13.06
N GLY C 219 17.05 -18.52 14.19
CA GLY C 219 18.05 -18.00 15.10
C GLY C 219 17.81 -16.50 15.33
N PHE C 220 18.52 -15.94 16.29
CA PHE C 220 18.29 -14.54 16.62
C PHE C 220 19.47 -13.66 16.25
N SER C 221 19.18 -12.52 15.65
CA SER C 221 20.17 -11.50 15.32
C SER C 221 19.54 -10.12 15.31
N ALA C 222 20.01 -9.24 16.18
CA ALA C 222 19.42 -7.91 16.27
C ALA C 222 20.03 -6.97 15.24
N LEU C 223 19.20 -6.07 14.72
CA LEU C 223 19.62 -5.10 13.73
C LEU C 223 20.06 -3.79 14.36
N GLU C 224 21.29 -3.39 14.05
CA GLU C 224 21.86 -2.16 14.57
C GLU C 224 21.39 -0.97 13.75
N PRO C 225 21.25 0.22 14.36
CA PRO C 225 20.87 1.46 13.72
C PRO C 225 21.90 1.88 12.69
N LEU C 226 21.43 2.37 11.56
CA LEU C 226 22.31 2.78 10.47
C LEU C 226 22.34 4.29 10.31
N VAL C 227 21.17 4.90 10.17
CA VAL C 227 21.09 6.36 10.01
C VAL C 227 19.71 6.92 10.35
N ASP C 228 19.70 8.11 10.97
CA ASP C 228 18.47 8.85 11.24
C ASP C 228 18.40 10.08 10.36
N LEU C 229 17.46 10.09 9.41
CA LEU C 229 17.36 11.18 8.45
C LEU C 229 16.24 12.16 8.80
N PRO C 230 16.56 13.43 9.08
CA PRO C 230 15.65 14.50 9.47
C PRO C 230 14.96 15.07 8.24
N ILE C 231 14.06 14.27 7.65
CA ILE C 231 13.46 14.62 6.37
C ILE C 231 12.16 15.40 6.47
N GLY C 232 11.24 14.97 7.33
CA GLY C 232 9.99 15.69 7.53
C GLY C 232 8.92 15.47 6.45
N ILE C 233 8.83 14.27 5.88
CA ILE C 233 7.80 14.01 4.87
C ILE C 233 6.93 12.81 5.25
N ASN C 234 5.75 12.73 4.62
CA ASN C 234 4.83 11.61 4.77
C ASN C 234 5.17 10.47 3.82
N ILE C 235 5.18 9.24 4.34
CA ILE C 235 5.41 8.03 3.55
C ILE C 235 4.28 7.04 3.77
N THR C 236 3.63 6.64 2.68
CA THR C 236 2.53 5.69 2.75
C THR C 236 2.76 4.50 1.82
N ARG C 237 3.62 4.69 0.82
CA ARG C 237 3.90 3.67 -0.18
C ARG C 237 5.38 3.62 -0.50
N PHE C 238 5.88 2.46 -0.96
CA PHE C 238 7.26 2.37 -1.36
C PHE C 238 7.48 1.35 -2.47
N GLN C 239 8.60 1.46 -3.15
CA GLN C 239 8.95 0.54 -4.23
C GLN C 239 10.43 0.20 -4.22
N THR C 240 10.78 -1.02 -4.61
CA THR C 240 12.18 -1.43 -4.65
C THR C 240 12.80 -1.15 -6.01
N LEU C 241 13.97 -0.54 -6.02
CA LEU C 241 14.67 -0.27 -7.27
C LEU C 241 15.69 -1.35 -7.61
N LEU C 242 15.56 -1.89 -8.82
CA LEU C 242 16.47 -2.91 -9.32
C LEU C 242 17.33 -2.32 -10.43
N ALA C 243 18.54 -2.85 -10.58
CA ALA C 243 19.41 -2.45 -11.67
C ALA C 243 19.29 -3.41 -12.84
N LEU C 244 19.11 -2.84 -14.04
CA LEU C 244 19.02 -3.64 -15.25
C LEU C 244 20.19 -3.27 -16.17
N HIS C 245 20.66 -4.24 -16.93
CA HIS C 245 21.78 -4.01 -17.83
C HIS C 245 21.33 -3.79 -19.27
N ARG C 246 21.97 -2.84 -19.95
CA ARG C 246 21.65 -2.57 -21.34
C ARG C 246 22.33 -3.57 -22.26
N SER C 247 21.82 -4.80 -22.27
CA SER C 247 22.36 -5.91 -23.06
C SER C 247 21.26 -6.93 -23.36
N SER C 254 11.98 -0.84 -26.74
CA SER C 254 13.08 -0.32 -25.94
C SER C 254 13.27 -1.12 -24.64
N SER C 255 12.15 -1.54 -24.03
CA SER C 255 12.17 -2.31 -22.77
C SER C 255 12.77 -3.70 -22.97
N SER C 256 12.73 -4.18 -24.20
CA SER C 256 13.24 -5.51 -24.53
C SER C 256 14.76 -5.54 -24.48
N GLY C 257 15.39 -4.36 -24.44
CA GLY C 257 16.83 -4.27 -24.43
C GLY C 257 17.39 -4.27 -23.01
N TRP C 258 16.51 -4.37 -22.02
CA TRP C 258 16.94 -4.35 -20.62
C TRP C 258 16.80 -5.72 -19.96
N THR C 259 17.92 -6.27 -19.52
CA THR C 259 17.94 -7.60 -18.93
C THR C 259 18.66 -7.64 -17.59
N ALA C 260 18.18 -8.52 -16.70
CA ALA C 260 18.83 -8.79 -15.43
C ALA C 260 18.50 -10.19 -14.99
N GLY C 261 19.31 -10.74 -14.09
CA GLY C 261 19.07 -12.08 -13.59
C GLY C 261 17.95 -12.08 -12.58
N ALA C 262 17.60 -13.27 -12.09
CA ALA C 262 16.49 -13.40 -11.16
C ALA C 262 16.74 -12.59 -9.91
N ALA C 263 15.67 -12.01 -9.36
CA ALA C 263 15.76 -11.20 -8.16
C ALA C 263 14.53 -11.41 -7.29
N ALA C 264 14.76 -11.50 -5.99
CA ALA C 264 13.65 -11.72 -5.05
C ALA C 264 13.96 -11.08 -3.70
N TYR C 265 12.90 -10.78 -2.96
CA TYR C 265 13.02 -10.17 -1.65
C TYR C 265 11.81 -10.44 -0.77
N TYR C 266 11.96 -10.22 0.52
CA TYR C 266 10.90 -10.49 1.49
C TYR C 266 10.42 -9.19 2.12
N VAL C 267 9.11 -9.05 2.28
CA VAL C 267 8.56 -7.86 2.92
C VAL C 267 7.58 -8.19 4.04
N GLY C 268 7.86 -7.66 5.22
CA GLY C 268 6.97 -7.80 6.37
C GLY C 268 6.58 -6.43 6.89
N TYR C 269 5.66 -6.38 7.85
CA TYR C 269 5.23 -5.11 8.39
C TYR C 269 5.28 -5.10 9.90
N LEU C 270 5.61 -3.94 10.46
CA LEU C 270 5.77 -3.81 11.90
C LEU C 270 4.44 -3.54 12.59
N GLN C 271 4.34 -3.98 13.84
CA GLN C 271 3.16 -3.74 14.66
C GLN C 271 3.57 -3.27 16.05
N PRO C 272 2.72 -2.53 16.76
CA PRO C 272 2.88 -2.13 18.13
C PRO C 272 2.84 -3.34 19.03
N ARG C 273 4.03 -3.78 19.44
CA ARG C 273 4.20 -5.02 20.20
C ARG C 273 5.11 -4.80 21.40
N THR C 274 4.92 -5.62 22.42
CA THR C 274 5.79 -5.58 23.59
C THR C 274 6.79 -6.72 23.54
N PHE C 275 8.07 -6.38 23.64
CA PHE C 275 9.13 -7.36 23.61
C PHE C 275 9.96 -7.36 24.88
N LEU C 276 10.37 -8.54 25.30
CA LEU C 276 11.36 -8.67 26.36
C LEU C 276 12.71 -8.98 25.73
N LEU C 277 13.64 -8.06 25.83
CA LEU C 277 14.92 -8.21 25.16
C LEU C 277 16.02 -8.59 26.13
N LYS C 278 16.79 -9.62 25.79
CA LYS C 278 17.87 -10.08 26.64
C LYS C 278 19.22 -9.56 26.19
N TYR C 279 19.82 -8.70 27.01
CA TYR C 279 21.13 -8.15 26.73
C TYR C 279 22.21 -8.94 27.44
N ASN C 280 23.27 -9.31 26.73
CA ASN C 280 24.37 -10.04 27.34
C ASN C 280 25.33 -9.06 28.00
N GLU C 281 26.45 -9.56 28.49
CA GLU C 281 27.40 -8.73 29.24
C GLU C 281 28.06 -7.63 28.40
N ASN C 282 28.03 -7.76 27.06
CA ASN C 282 28.64 -6.80 26.14
C ASN C 282 27.60 -5.85 25.53
N GLY C 283 26.34 -5.95 25.98
CA GLY C 283 25.25 -5.10 25.52
C GLY C 283 24.66 -5.55 24.19
N THR C 284 24.96 -6.77 23.79
CA THR C 284 24.42 -7.31 22.57
C THR C 284 23.14 -8.08 22.88
N ILE C 285 22.10 -7.87 22.09
CA ILE C 285 20.87 -8.60 22.34
C ILE C 285 21.05 -10.01 21.81
N THR C 286 20.87 -11.00 22.68
CA THR C 286 21.08 -12.39 22.28
C THR C 286 19.78 -13.15 22.16
N ASP C 287 18.71 -12.62 22.74
CA ASP C 287 17.42 -13.28 22.64
C ASP C 287 16.28 -12.27 22.75
N ALA C 288 15.05 -12.74 22.58
CA ALA C 288 13.89 -11.87 22.69
C ALA C 288 12.60 -12.67 22.81
N VAL C 289 11.61 -12.12 23.51
CA VAL C 289 10.29 -12.72 23.60
C VAL C 289 9.20 -11.79 23.10
N ASP C 290 8.41 -12.27 22.16
CA ASP C 290 7.22 -11.55 21.68
C ASP C 290 6.08 -11.87 22.64
N CYS C 291 5.71 -10.89 23.47
CA CYS C 291 4.83 -11.11 24.61
C CYS C 291 3.42 -11.53 24.20
N ALA C 292 3.08 -11.37 22.92
CA ALA C 292 1.74 -11.72 22.48
C ALA C 292 1.72 -12.98 21.63
N LEU C 293 2.86 -13.67 21.53
CA LEU C 293 2.95 -14.87 20.71
C LEU C 293 2.13 -16.01 21.28
N ASP C 294 2.07 -16.10 22.61
CA ASP C 294 1.39 -17.20 23.29
C ASP C 294 1.43 -16.98 24.81
N PRO C 295 0.59 -17.68 25.59
CA PRO C 295 0.54 -17.67 27.04
C PRO C 295 1.88 -17.88 27.72
N LEU C 296 2.75 -18.70 27.12
CA LEU C 296 4.06 -18.93 27.71
C LEU C 296 4.91 -17.66 27.65
N SER C 297 4.85 -16.99 26.51
CA SER C 297 5.59 -15.75 26.32
C SER C 297 5.04 -14.67 27.23
N GLU C 298 3.73 -14.66 27.41
CA GLU C 298 3.10 -13.69 28.30
C GLU C 298 3.62 -13.86 29.72
N THR C 299 3.77 -15.12 30.14
CA THR C 299 4.29 -15.43 31.46
C THR C 299 5.72 -14.94 31.61
N LYS C 300 6.56 -15.19 30.60
CA LYS C 300 7.94 -14.76 30.63
C LYS C 300 8.08 -13.24 30.76
N CYS C 301 7.27 -12.50 29.99
CA CYS C 301 7.28 -11.04 29.99
C CYS C 301 6.77 -10.49 31.32
N THR C 302 5.81 -11.17 31.92
CA THR C 302 5.26 -10.78 33.21
C THR C 302 6.30 -10.96 34.31
N LEU C 303 7.00 -12.09 34.28
CA LEU C 303 7.98 -12.41 35.31
C LEU C 303 9.37 -11.86 34.99
N LYS C 304 9.55 -11.38 33.77
CA LYS C 304 10.85 -10.89 33.33
C LYS C 304 11.90 -11.98 33.44
N SER C 305 11.62 -13.12 32.84
CA SER C 305 12.53 -14.25 32.88
C SER C 305 12.40 -15.14 31.65
N PHE C 306 13.51 -15.69 31.17
CA PHE C 306 13.54 -16.62 30.04
C PHE C 306 13.53 -18.06 30.53
C1 NAG D . 28.21 6.67 -7.11
C2 NAG D . 28.71 7.22 -8.49
C3 NAG D . 29.75 8.32 -8.21
C4 NAG D . 29.09 9.45 -7.39
C5 NAG D . 28.56 8.83 -6.07
C6 NAG D . 27.85 9.86 -5.21
C7 NAG D . 29.06 5.93 -10.51
C8 NAG D . 29.69 4.79 -11.26
N2 NAG D . 29.33 6.11 -9.22
O3 NAG D . 30.22 8.85 -9.46
O4 NAG D . 30.10 10.43 -7.07
O5 NAG D . 27.60 7.74 -6.36
O6 NAG D . 26.84 10.56 -5.94
O7 NAG D . 28.31 6.70 -11.11
C1 NAG D . 29.74 11.81 -7.49
C2 NAG D . 30.61 12.83 -6.68
C3 NAG D . 30.20 14.25 -7.11
C4 NAG D . 30.41 14.39 -8.64
C5 NAG D . 29.54 13.33 -9.36
C6 NAG D . 29.75 13.39 -10.87
C7 NAG D . 31.09 11.89 -4.48
C8 NAG D . 30.81 11.74 -3.02
N2 NAG D . 30.33 12.68 -5.24
O3 NAG D . 31.00 15.22 -6.41
O4 NAG D . 30.02 15.70 -9.05
O5 NAG D . 29.92 11.99 -8.90
O6 NAG D . 31.10 13.13 -11.23
O7 NAG D . 32.04 11.27 -4.99
C1 NAG E . 0.92 14.07 6.69
C2 NAG E . 0.46 15.42 6.04
C3 NAG E . -0.17 16.28 7.16
C4 NAG E . -1.37 15.53 7.78
C5 NAG E . -0.84 14.19 8.33
C6 NAG E . -1.95 13.34 8.94
C7 NAG E . 1.61 16.56 4.24
C8 NAG E . 2.80 17.26 3.67
N2 NAG E . 1.62 16.11 5.49
O3 NAG E . -0.61 17.53 6.60
O4 NAG E . -1.91 16.29 8.88
O5 NAG E . -0.21 13.39 7.28
O6 NAG E . -3.05 13.18 8.03
O7 NAG E . 0.60 16.40 3.54
C1 NAG E . -3.24 16.91 8.58
C2 NAG E . -3.99 17.17 9.93
C3 NAG E . -5.36 17.80 9.60
C4 NAG E . -5.14 19.11 8.80
C5 NAG E . -4.37 18.76 7.51
C6 NAG E . -4.07 20.00 6.68
C7 NAG E . -3.62 15.64 11.78
C8 NAG E . -3.85 14.34 12.48
N2 NAG E . -4.20 15.89 10.62
O3 NAG E . -6.06 18.07 10.81
O4 NAG E . -6.41 19.69 8.46
O5 NAG E . -3.09 18.13 7.83
O6 NAG E . -3.32 20.97 7.42
O7 NAG E . -2.88 16.49 12.31
C1 BMA E . -6.63 21.02 9.13
C2 BMA E . -7.86 21.71 8.47
C3 BMA E . -8.05 23.09 9.15
C4 BMA E . -8.24 22.88 10.67
C5 BMA E . -7.00 22.16 11.23
C6 BMA E . -7.15 21.87 12.72
O2 BMA E . -9.03 20.91 8.63
O3 BMA E . -9.18 23.74 8.59
O4 BMA E . -8.40 24.15 11.29
O5 BMA E . -6.82 20.87 10.54
O6 BMA E . -5.93 21.42 13.29
C1 NAG F . 0.54 -18.08 7.91
C2 NAG F . -0.51 -18.10 9.08
C3 NAG F . -0.93 -19.57 9.32
C4 NAG F . -1.55 -20.12 8.01
C5 NAG F . -0.50 -20.03 6.89
C6 NAG F . -1.06 -20.51 5.56
C7 NAG F . -0.08 -16.34 10.69
C8 NAG F . 0.57 -15.81 11.94
N2 NAG F . 0.14 -17.59 10.30
O3 NAG F . -1.91 -19.61 10.37
O4 NAG F . -1.94 -21.47 8.22
O5 NAG F . -0.06 -18.64 6.72
O6 NAG F . -0.02 -20.66 4.59
O7 NAG F . -0.82 -15.60 10.04
C1 NAG G . 5.26 2.87 -22.78
C2 NAG G . 5.92 3.44 -24.08
C3 NAG G . 5.30 4.83 -24.36
C4 NAG G . 3.77 4.66 -24.52
C5 NAG G . 3.19 4.06 -23.23
C6 NAG G . 1.70 3.82 -23.35
C7 NAG G . 8.23 3.23 -24.79
C8 NAG G . 9.70 3.37 -24.57
N2 NAG G . 7.36 3.58 -23.85
O3 NAG G . 5.86 5.37 -25.55
O4 NAG G . 3.19 5.94 -24.78
O5 NAG G . 3.83 2.77 -22.96
O6 NAG G . 1.11 3.57 -22.08
O7 NAG G . 7.82 2.77 -25.87
C1 NAG H . 32.22 -10.09 25.35
C2 NAG H . 32.18 -11.52 24.69
C3 NAG H . 33.47 -12.27 25.11
C4 NAG H . 34.70 -11.46 24.66
C5 NAG H . 34.65 -10.06 25.32
C6 NAG H . 35.81 -9.19 24.88
C7 NAG H . 29.90 -12.29 24.48
C8 NAG H . 28.71 -13.05 24.99
N2 NAG H . 31.03 -12.25 25.18
O3 NAG H . 33.49 -13.57 24.50
O4 NAG H . 35.88 -12.14 25.06
O5 NAG H . 33.40 -9.39 24.93
O6 NAG H . 35.93 -8.03 25.69
O7 NAG H . 29.83 -11.70 23.39
C1 NAG I . 9.00 23.26 -2.00
C2 NAG I . 7.99 24.35 -2.50
C3 NAG I . 7.55 25.22 -1.30
C4 NAG I . 6.89 24.31 -0.24
C5 NAG I . 7.91 23.23 0.19
C6 NAG I . 7.32 22.26 1.20
C7 NAG I . 8.32 25.19 -4.76
C8 NAG I . 9.03 26.06 -5.75
N2 NAG I . 8.67 25.21 -3.48
O3 NAG I . 6.60 26.21 -1.73
O4 NAG I . 6.50 25.08 0.88
O5 NAG I . 8.35 22.46 -0.98
O6 NAG I . 6.17 21.62 0.70
O7 NAG I . 7.40 24.46 -5.14
#